data_5V1E
#
_entry.id   5V1E
#
_entity_poly.entity_id   1
_entity_poly.type   'polypeptide(L)'
_entity_poly.pdbx_seq_one_letter_code
;RQYMRQIEQALRYGYRISRR(NH2)
;
_entity_poly.pdbx_strand_id   A
#
loop_
_chem_comp.id
_chem_comp.type
_chem_comp.name
_chem_comp.formula
NH2 non-polymer 'AMINO GROUP' 'H2 N'
#
# COMPACT_ATOMS: atom_id res chain seq x y z
N ARG A 1 -7.84 -5.52 9.07
CA ARG A 1 -9.24 -5.93 8.77
C ARG A 1 -9.70 -5.28 7.47
N GLN A 2 -11.02 -5.16 7.32
CA GLN A 2 -11.63 -4.61 6.12
C GLN A 2 -11.07 -3.23 5.75
N TYR A 3 -10.93 -2.34 6.74
CA TYR A 3 -10.43 -1.00 6.44
C TYR A 3 -9.00 -1.05 5.93
N MET A 4 -8.19 -1.91 6.53
CA MET A 4 -6.80 -2.02 6.12
C MET A 4 -6.73 -2.28 4.62
N ARG A 5 -7.84 -2.68 4.05
CA ARG A 5 -7.90 -2.98 2.63
C ARG A 5 -7.49 -1.78 1.80
N GLN A 6 -8.02 -0.61 2.14
CA GLN A 6 -7.69 0.59 1.38
C GLN A 6 -6.28 1.03 1.67
N ILE A 7 -5.88 0.82 2.90
CA ILE A 7 -4.57 1.20 3.36
C ILE A 7 -3.52 0.29 2.77
N GLU A 8 -3.88 -0.97 2.63
CA GLU A 8 -2.98 -1.96 2.08
C GLU A 8 -2.75 -1.69 0.61
N GLN A 9 -3.82 -1.32 -0.06
CA GLN A 9 -3.77 -1.01 -1.48
C GLN A 9 -2.77 0.09 -1.76
N ALA A 10 -2.54 0.93 -0.76
CA ALA A 10 -1.60 2.03 -0.92
C ALA A 10 -0.18 1.49 -1.05
N LEU A 11 0.15 0.48 -0.22
CA LEU A 11 1.49 -0.10 -0.27
C LEU A 11 1.80 -0.56 -1.69
N ARG A 12 0.76 -0.78 -2.48
CA ARG A 12 0.94 -1.20 -3.86
C ARG A 12 1.80 -0.16 -4.56
N TYR A 13 1.46 1.10 -4.31
CA TYR A 13 2.20 2.19 -4.91
C TYR A 13 3.60 2.19 -4.32
N GLY A 14 3.68 1.87 -3.03
CA GLY A 14 4.97 1.83 -2.34
C GLY A 14 5.89 0.85 -3.05
N TYR A 15 5.34 -0.30 -3.37
CA TYR A 15 6.09 -1.34 -4.06
C TYR A 15 6.28 -0.96 -5.52
N ARG A 16 5.56 0.06 -5.96
CA ARG A 16 5.66 0.51 -7.34
C ARG A 16 6.88 1.40 -7.52
N ILE A 17 7.21 2.18 -6.49
CA ILE A 17 8.38 3.05 -6.55
C ILE A 17 9.52 2.46 -5.75
N SER A 18 10.70 3.01 -5.91
CA SER A 18 11.87 2.50 -5.23
C SER A 18 12.18 3.24 -3.94
N ARG A 19 12.40 2.47 -2.89
CA ARG A 19 12.78 3.03 -1.60
C ARG A 19 13.85 2.14 -1.00
N ARG A 20 15.01 2.73 -0.76
CA ARG A 20 16.13 2.00 -0.19
C ARG A 20 16.50 2.57 1.17
N NH2 A 21 17.68 2.36 1.66
HN1 NH2 A 21 18.34 1.85 1.16
HN2 NH2 A 21 17.91 2.73 2.54
N ARG A 1 -10.12 -4.29 10.29
CA ARG A 1 -11.51 -4.06 9.78
C ARG A 1 -11.46 -3.79 8.28
N GLN A 2 -12.63 -3.51 7.72
CA GLN A 2 -12.77 -3.26 6.28
C GLN A 2 -11.84 -2.16 5.76
N TYR A 3 -11.64 -1.10 6.54
CA TYR A 3 -10.80 -0.01 6.07
C TYR A 3 -9.39 -0.47 5.75
N MET A 4 -8.87 -1.40 6.54
CA MET A 4 -7.52 -1.88 6.31
C MET A 4 -7.39 -2.39 4.87
N ARG A 5 -8.53 -2.63 4.24
CA ARG A 5 -8.55 -3.11 2.87
C ARG A 5 -7.82 -2.16 1.93
N GLN A 6 -8.11 -0.87 2.05
CA GLN A 6 -7.48 0.12 1.19
C GLN A 6 -6.03 0.33 1.59
N ILE A 7 -5.81 0.24 2.89
CA ILE A 7 -4.50 0.42 3.45
C ILE A 7 -3.61 -0.75 3.08
N GLU A 8 -4.24 -1.92 2.96
CA GLU A 8 -3.53 -3.13 2.59
C GLU A 8 -3.13 -3.04 1.13
N GLN A 9 -4.01 -2.43 0.36
CA GLN A 9 -3.79 -2.25 -1.06
C GLN A 9 -2.88 -1.05 -1.33
N ALA A 10 -2.83 -0.14 -0.36
CA ALA A 10 -2.00 1.05 -0.47
C ALA A 10 -0.56 0.68 -0.75
N LEU A 11 -0.10 -0.41 -0.15
CA LEU A 11 1.28 -0.85 -0.32
C LEU A 11 1.64 -0.93 -1.80
N ARG A 12 0.63 -0.90 -2.67
CA ARG A 12 0.88 -0.95 -4.11
C ARG A 12 1.82 0.18 -4.51
N TYR A 13 1.52 1.36 -3.99
CA TYR A 13 2.32 2.55 -4.28
C TYR A 13 3.75 2.33 -3.79
N GLY A 14 3.90 1.58 -2.72
CA GLY A 14 5.22 1.29 -2.18
C GLY A 14 6.04 0.48 -3.18
N TYR A 15 5.34 -0.33 -3.96
CA TYR A 15 6.00 -1.18 -4.95
C TYR A 15 6.26 -0.42 -6.25
N ARG A 16 5.67 0.75 -6.37
CA ARG A 16 5.84 1.55 -7.59
C ARG A 16 7.18 2.27 -7.57
N ILE A 17 7.59 2.74 -6.40
CA ILE A 17 8.86 3.45 -6.28
C ILE A 17 9.89 2.63 -5.54
N SER A 18 11.13 3.06 -5.67
CA SER A 18 12.24 2.39 -5.02
C SER A 18 12.88 3.30 -4.00
N ARG A 19 13.18 2.76 -2.83
CA ARG A 19 13.85 3.53 -1.81
C ARG A 19 15.13 2.81 -1.42
N ARG A 20 16.26 3.50 -1.61
CA ARG A 20 17.59 2.97 -1.31
C ARG A 20 17.54 1.50 -0.92
N NH2 A 21 17.40 1.18 0.35
HN1 NH2 A 21 17.34 1.88 1.02
HN2 NH2 A 21 17.36 0.23 0.61
N ARG A 1 -10.58 -4.48 10.00
CA ARG A 1 -11.84 -3.80 9.60
C ARG A 1 -11.73 -3.31 8.17
N GLN A 2 -12.77 -2.64 7.73
CA GLN A 2 -12.85 -2.10 6.37
C GLN A 2 -11.63 -1.25 6.03
N TYR A 3 -11.09 -0.56 7.02
CA TYR A 3 -9.94 0.33 6.76
C TYR A 3 -8.76 -0.45 6.20
N MET A 4 -8.54 -1.66 6.68
CA MET A 4 -7.43 -2.47 6.19
C MET A 4 -7.51 -2.59 4.67
N ARG A 5 -8.70 -2.37 4.14
CA ARG A 5 -8.95 -2.46 2.72
C ARG A 5 -8.09 -1.48 1.91
N GLN A 6 -7.98 -0.24 2.38
CA GLN A 6 -7.20 0.75 1.64
C GLN A 6 -5.71 0.49 1.81
N ILE A 7 -5.38 0.04 2.98
CA ILE A 7 -4.01 -0.24 3.35
C ILE A 7 -3.51 -1.48 2.60
N GLU A 8 -4.41 -2.43 2.42
CA GLU A 8 -4.09 -3.67 1.73
C GLU A 8 -3.77 -3.36 0.27
N GLN A 9 -4.54 -2.43 -0.26
CA GLN A 9 -4.39 -2.01 -1.63
C GLN A 9 -3.17 -1.09 -1.78
N ALA A 10 -2.85 -0.39 -0.70
CA ALA A 10 -1.74 0.56 -0.70
C ALA A 10 -0.38 -0.09 -0.90
N LEU A 11 -0.18 -1.27 -0.33
CA LEU A 11 1.12 -1.94 -0.46
C LEU A 11 1.58 -1.95 -1.91
N ARG A 12 0.65 -1.83 -2.84
CA ARG A 12 0.99 -1.80 -4.25
C ARG A 12 1.87 -0.59 -4.55
N TYR A 13 1.46 0.57 -4.02
CA TYR A 13 2.21 1.79 -4.23
C TYR A 13 3.58 1.70 -3.58
N GLY A 14 3.69 0.87 -2.54
CA GLY A 14 4.96 0.70 -1.86
C GLY A 14 6.02 0.18 -2.82
N TYR A 15 5.61 -0.70 -3.71
CA TYR A 15 6.53 -1.27 -4.69
C TYR A 15 6.68 -0.37 -5.92
N ARG A 16 5.80 0.61 -6.03
CA ARG A 16 5.82 1.54 -7.17
C ARG A 16 6.76 2.72 -6.90
N ILE A 17 7.55 2.64 -5.84
CA ILE A 17 8.49 3.71 -5.53
C ILE A 17 9.89 3.17 -5.35
N SER A 18 10.86 4.06 -5.37
CA SER A 18 12.26 3.67 -5.21
C SER A 18 12.71 3.90 -3.78
N ARG A 19 13.50 2.97 -3.27
CA ARG A 19 14.04 3.10 -1.94
C ARG A 19 15.56 3.05 -2.02
N ARG A 20 16.19 4.12 -1.54
CA ARG A 20 17.64 4.25 -1.57
C ARG A 20 18.31 2.88 -1.42
N NH2 A 21 17.83 2.02 -0.57
HN1 NH2 A 21 17.05 2.24 -0.04
HN2 NH2 A 21 18.26 1.14 -0.47
N ARG A 1 -10.18 -6.21 8.27
CA ARG A 1 -11.51 -5.57 8.19
C ARG A 1 -11.64 -4.82 6.86
N GLN A 2 -12.79 -4.20 6.66
CA GLN A 2 -13.06 -3.46 5.43
C GLN A 2 -12.06 -2.34 5.19
N TYR A 3 -11.81 -1.51 6.20
CA TYR A 3 -10.89 -0.39 6.03
C TYR A 3 -9.50 -0.86 5.65
N MET A 4 -9.10 -2.00 6.16
CA MET A 4 -7.77 -2.51 5.85
C MET A 4 -7.58 -2.61 4.34
N ARG A 5 -8.68 -2.56 3.60
CA ARG A 5 -8.60 -2.65 2.15
C ARG A 5 -7.77 -1.52 1.54
N GLN A 6 -7.95 -0.30 2.05
CA GLN A 6 -7.21 0.84 1.51
C GLN A 6 -5.78 0.80 1.99
N ILE A 7 -5.62 0.39 3.24
CA ILE A 7 -4.32 0.32 3.87
C ILE A 7 -3.49 -0.80 3.26
N GLU A 8 -4.16 -1.89 2.94
CA GLU A 8 -3.52 -3.05 2.37
C GLU A 8 -3.08 -2.74 0.95
N GLN A 9 -3.99 -2.13 0.21
CA GLN A 9 -3.73 -1.76 -1.16
C GLN A 9 -2.72 -0.62 -1.22
N ALA A 10 -2.70 0.21 -0.19
CA ALA A 10 -1.79 1.35 -0.15
C ALA A 10 -0.35 0.90 -0.35
N LEU A 11 0.03 -0.18 0.31
CA LEU A 11 1.40 -0.69 0.19
C LEU A 11 1.78 -0.87 -1.27
N ARG A 12 0.79 -0.92 -2.15
CA ARG A 12 1.06 -1.08 -3.57
C ARG A 12 1.94 0.06 -4.05
N TYR A 13 1.58 1.26 -3.65
CA TYR A 13 2.35 2.43 -4.03
C TYR A 13 3.76 2.28 -3.46
N GLY A 14 3.86 1.64 -2.30
CA GLY A 14 5.14 1.41 -1.65
C GLY A 14 6.02 0.52 -2.51
N TYR A 15 5.39 -0.44 -3.18
CA TYR A 15 6.11 -1.37 -4.03
C TYR A 15 6.31 -0.79 -5.43
N ARG A 16 5.50 0.20 -5.78
CA ARG A 16 5.58 0.80 -7.11
C ARG A 16 6.69 1.84 -7.21
N ILE A 17 7.34 2.15 -6.09
CA ILE A 17 8.42 3.13 -6.12
C ILE A 17 9.73 2.48 -5.70
N SER A 18 10.82 3.17 -5.99
CA SER A 18 12.13 2.67 -5.64
C SER A 18 12.60 3.32 -4.35
N ARG A 19 13.49 2.63 -3.65
CA ARG A 19 14.04 3.16 -2.43
C ARG A 19 15.51 2.78 -2.35
N ARG A 20 16.35 3.78 -2.25
CA ARG A 20 17.78 3.55 -2.15
C ARG A 20 18.09 2.69 -0.92
N NH2 A 21 18.23 1.41 -1.05
HN1 NH2 A 21 18.14 0.99 -1.92
HN2 NH2 A 21 18.41 0.86 -0.25
N ARG A 1 -8.95 -5.47 9.49
CA ARG A 1 -10.41 -5.36 9.29
C ARG A 1 -10.67 -4.73 7.92
N GLN A 2 -11.93 -4.42 7.65
CA GLN A 2 -12.32 -3.83 6.37
C GLN A 2 -11.51 -2.58 6.01
N TYR A 3 -11.36 -1.65 6.94
CA TYR A 3 -10.66 -0.40 6.63
C TYR A 3 -9.25 -0.66 6.11
N MET A 4 -8.63 -1.74 6.52
CA MET A 4 -7.29 -2.04 6.07
C MET A 4 -7.22 -2.06 4.55
N ARG A 5 -8.37 -2.24 3.90
CA ARG A 5 -8.40 -2.31 2.44
C ARG A 5 -7.83 -1.06 1.77
N GLN A 6 -8.07 0.12 2.31
CA GLN A 6 -7.53 1.34 1.69
C GLN A 6 -6.04 1.41 1.93
N ILE A 7 -5.67 1.00 3.12
CA ILE A 7 -4.29 1.00 3.54
C ILE A 7 -3.52 -0.07 2.81
N GLU A 8 -4.17 -1.23 2.67
CA GLU A 8 -3.57 -2.36 1.98
C GLU A 8 -3.40 -2.02 0.52
N GLN A 9 -4.42 -1.39 -0.03
CA GLN A 9 -4.40 -1.00 -1.43
C GLN A 9 -3.28 -0.02 -1.68
N ALA A 10 -2.97 0.79 -0.67
CA ALA A 10 -1.90 1.77 -0.80
C ALA A 10 -0.56 1.11 -1.06
N LEU A 11 -0.30 0.00 -0.36
CA LEU A 11 0.96 -0.73 -0.52
C LEU A 11 1.22 -1.05 -2.00
N ARG A 12 0.18 -0.98 -2.82
CA ARG A 12 0.35 -1.25 -4.24
C ARG A 12 1.39 -0.32 -4.84
N TYR A 13 1.28 0.97 -4.50
CA TYR A 13 2.22 1.95 -5.00
C TYR A 13 3.52 1.83 -4.24
N GLY A 14 3.47 1.23 -3.05
CA GLY A 14 4.66 1.07 -2.23
C GLY A 14 5.70 0.22 -2.94
N TYR A 15 5.28 -0.93 -3.43
CA TYR A 15 6.20 -1.83 -4.12
C TYR A 15 6.53 -1.28 -5.50
N ARG A 16 5.75 -0.30 -5.94
CA ARG A 16 5.97 0.29 -7.25
C ARG A 16 7.08 1.34 -7.20
N ILE A 17 7.51 1.71 -5.99
CA ILE A 17 8.57 2.69 -5.87
C ILE A 17 9.78 2.09 -5.19
N SER A 18 10.89 2.78 -5.28
CA SER A 18 12.13 2.33 -4.69
C SER A 18 12.61 3.29 -3.62
N ARG A 19 13.24 2.74 -2.60
CA ARG A 19 13.79 3.56 -1.53
C ARG A 19 15.21 3.11 -1.25
N ARG A 20 16.14 4.04 -1.42
CA ARG A 20 17.55 3.75 -1.19
C ARG A 20 18.20 4.86 -0.39
N NH2 A 21 19.48 4.82 -0.15
HN1 NH2 A 21 20.02 4.07 -0.49
HN2 NH2 A 21 19.91 5.54 0.36
N ARG A 1 -7.68 -3.46 10.90
CA ARG A 1 -8.99 -4.09 10.63
C ARG A 1 -9.37 -3.92 9.16
N GLN A 2 -10.68 -3.95 8.91
CA GLN A 2 -11.21 -3.83 7.56
C GLN A 2 -10.67 -2.63 6.79
N TYR A 3 -10.48 -1.51 7.47
CA TYR A 3 -10.00 -0.31 6.78
C TYR A 3 -8.66 -0.52 6.13
N MET A 4 -7.86 -1.43 6.65
CA MET A 4 -6.55 -1.68 6.09
C MET A 4 -6.65 -2.05 4.61
N ARG A 5 -7.83 -2.46 4.18
CA ARG A 5 -8.05 -2.84 2.79
C ARG A 5 -7.72 -1.70 1.83
N GLN A 6 -8.13 -0.48 2.18
CA GLN A 6 -7.84 0.67 1.32
C GLN A 6 -6.36 1.03 1.41
N ILE A 7 -5.84 0.89 2.60
CA ILE A 7 -4.46 1.21 2.87
C ILE A 7 -3.56 0.17 2.23
N GLU A 8 -4.06 -1.05 2.17
CA GLU A 8 -3.34 -2.17 1.57
C GLU A 8 -3.24 -1.97 0.08
N GLN A 9 -4.34 -1.54 -0.50
CA GLN A 9 -4.41 -1.31 -1.94
C GLN A 9 -3.38 -0.27 -2.37
N ALA A 10 -2.92 0.54 -1.42
CA ALA A 10 -1.92 1.56 -1.73
C ALA A 10 -0.59 0.91 -2.07
N LEU A 11 -0.26 -0.14 -1.33
CA LEU A 11 1.00 -0.83 -1.56
C LEU A 11 1.16 -1.21 -3.03
N ARG A 12 0.05 -1.21 -3.76
CA ARG A 12 0.10 -1.52 -5.18
C ARG A 12 1.03 -0.53 -5.85
N TYR A 13 0.84 0.74 -5.51
CA TYR A 13 1.70 1.79 -6.05
C TYR A 13 3.01 1.78 -5.27
N GLY A 14 2.99 1.10 -4.14
CA GLY A 14 4.17 0.99 -3.29
C GLY A 14 5.28 0.29 -4.03
N TYR A 15 4.92 -0.76 -4.74
CA TYR A 15 5.89 -1.52 -5.50
C TYR A 15 6.49 -0.67 -6.61
N ARG A 16 5.89 0.50 -6.82
CA ARG A 16 6.37 1.41 -7.85
C ARG A 16 7.55 2.21 -7.32
N ILE A 17 7.54 2.46 -6.01
CA ILE A 17 8.63 3.21 -5.39
C ILE A 17 9.45 2.30 -4.50
N SER A 18 10.60 2.78 -4.10
CA SER A 18 11.49 2.02 -3.26
C SER A 18 11.80 2.77 -1.98
N ARG A 19 12.32 2.05 -0.99
CA ARG A 19 12.69 2.66 0.26
C ARG A 19 14.14 2.35 0.56
N ARG A 20 14.93 3.39 0.72
CA ARG A 20 16.35 3.24 1.00
C ARG A 20 17.03 2.36 -0.06
N NH2 A 21 16.56 2.37 -1.27
HN1 NH2 A 21 15.78 2.91 -1.49
HN2 NH2 A 21 16.99 1.82 -1.96
N ARG A 1 -8.86 -4.64 9.97
CA ARG A 1 -10.32 -4.47 9.85
C ARG A 1 -10.68 -4.08 8.42
N GLN A 2 -11.97 -3.87 8.19
CA GLN A 2 -12.47 -3.52 6.86
C GLN A 2 -11.74 -2.32 6.24
N TYR A 3 -11.41 -1.32 7.04
CA TYR A 3 -10.75 -0.13 6.51
C TYR A 3 -9.40 -0.47 5.89
N MET A 4 -8.74 -1.48 6.43
CA MET A 4 -7.43 -1.88 5.92
C MET A 4 -7.54 -2.18 4.42
N ARG A 5 -8.76 -2.33 3.94
CA ARG A 5 -9.00 -2.62 2.53
C ARG A 5 -8.37 -1.56 1.63
N GLN A 6 -8.54 -0.30 1.99
CA GLN A 6 -7.97 0.76 1.18
C GLN A 6 -6.47 0.80 1.33
N ILE A 7 -6.03 0.57 2.55
CA ILE A 7 -4.63 0.60 2.90
C ILE A 7 -3.91 -0.62 2.36
N GLU A 8 -4.61 -1.75 2.38
CA GLU A 8 -4.06 -3.00 1.89
C GLU A 8 -3.63 -2.82 0.44
N GLN A 9 -4.41 -2.02 -0.26
CA GLN A 9 -4.18 -1.73 -1.65
C GLN A 9 -3.10 -0.66 -1.81
N ALA A 10 -2.90 0.14 -0.78
CA ALA A 10 -1.93 1.22 -0.82
C ALA A 10 -0.50 0.68 -0.85
N LEU A 11 -0.20 -0.31 0.00
CA LEU A 11 1.13 -0.88 0.08
C LEU A 11 1.63 -1.26 -1.32
N ARG A 12 0.69 -1.44 -2.23
CA ARG A 12 1.02 -1.77 -3.58
C ARG A 12 1.87 -0.67 -4.19
N TYR A 13 1.45 0.56 -3.98
CA TYR A 13 2.19 1.71 -4.50
C TYR A 13 3.55 1.80 -3.84
N GLY A 14 3.66 1.27 -2.64
CA GLY A 14 4.91 1.30 -1.89
C GLY A 14 6.05 0.76 -2.74
N TYR A 15 5.74 -0.23 -3.56
CA TYR A 15 6.75 -0.83 -4.42
C TYR A 15 6.88 -0.02 -5.71
N ARG A 16 5.85 0.75 -6.03
CA ARG A 16 5.84 1.55 -7.25
C ARG A 16 6.54 2.89 -7.07
N ILE A 17 6.35 3.53 -5.93
CA ILE A 17 6.97 4.84 -5.70
C ILE A 17 8.01 4.80 -4.59
N SER A 18 8.82 5.85 -4.54
CA SER A 18 9.86 5.99 -3.53
C SER A 18 9.54 7.17 -2.63
N ARG A 19 9.96 7.08 -1.38
CA ARG A 19 9.74 8.18 -0.45
C ARG A 19 10.98 8.39 0.40
N ARG A 20 11.54 9.59 0.31
CA ARG A 20 12.74 9.92 1.07
C ARG A 20 12.42 9.98 2.57
N NH2 A 21 13.34 9.69 3.43
HN1 NH2 A 21 14.25 9.44 3.12
HN2 NH2 A 21 13.15 9.72 4.39
N ARG A 1 -10.33 -4.93 9.00
CA ARG A 1 -11.61 -4.21 8.77
C ARG A 1 -11.56 -3.52 7.42
N GLN A 2 -12.64 -2.83 7.07
CA GLN A 2 -12.74 -2.13 5.80
C GLN A 2 -11.59 -1.17 5.55
N TYR A 3 -11.24 -0.36 6.54
CA TYR A 3 -10.16 0.61 6.35
C TYR A 3 -8.84 -0.09 6.02
N MET A 4 -8.57 -1.20 6.69
CA MET A 4 -7.33 -1.93 6.44
C MET A 4 -7.18 -2.23 4.97
N ARG A 5 -8.29 -2.20 4.25
CA ARG A 5 -8.29 -2.49 2.83
C ARG A 5 -7.44 -1.50 2.04
N GLN A 6 -7.53 -0.21 2.38
CA GLN A 6 -6.75 0.79 1.66
C GLN A 6 -5.29 0.69 2.05
N ILE A 7 -5.10 0.40 3.32
CA ILE A 7 -3.77 0.28 3.88
C ILE A 7 -3.11 -0.98 3.36
N GLU A 8 -3.91 -2.01 3.19
CA GLU A 8 -3.44 -3.28 2.69
C GLU A 8 -3.08 -3.15 1.22
N GLN A 9 -4.02 -2.57 0.48
CA GLN A 9 -3.87 -2.38 -0.94
C GLN A 9 -2.79 -1.34 -1.27
N ALA A 10 -2.54 -0.44 -0.34
CA ALA A 10 -1.55 0.60 -0.55
C ALA A 10 -0.18 0.01 -0.88
N LEU A 11 0.16 -1.07 -0.19
CA LEU A 11 1.44 -1.73 -0.41
C LEU A 11 1.65 -2.08 -1.87
N ARG A 12 0.55 -2.25 -2.60
CA ARG A 12 0.65 -2.57 -4.02
C ARG A 12 1.39 -1.48 -4.76
N TYR A 13 1.02 -0.25 -4.46
CA TYR A 13 1.65 0.91 -5.09
C TYR A 13 3.05 1.10 -4.51
N GLY A 14 3.33 0.40 -3.41
CA GLY A 14 4.62 0.51 -2.73
C GLY A 14 5.76 0.24 -3.70
N TYR A 15 5.49 -0.57 -4.69
CA TYR A 15 6.51 -0.92 -5.68
C TYR A 15 6.66 0.15 -6.74
N ARG A 16 5.71 1.08 -6.78
CA ARG A 16 5.78 2.16 -7.76
C ARG A 16 6.76 3.22 -7.28
N ILE A 17 6.96 3.30 -5.97
CA ILE A 17 7.89 4.25 -5.39
C ILE A 17 8.99 3.53 -4.63
N SER A 18 10.05 4.26 -4.32
CA SER A 18 11.16 3.68 -3.60
C SER A 18 11.08 4.00 -2.13
N ARG A 19 11.49 3.06 -1.28
CA ARG A 19 11.45 3.28 0.13
C ARG A 19 12.77 2.88 0.78
N ARG A 20 13.41 3.85 1.40
CA ARG A 20 14.67 3.63 2.07
C ARG A 20 14.45 3.48 3.57
N NH2 A 21 13.32 3.00 4.00
HN1 NH2 A 21 12.63 2.72 3.36
HN2 NH2 A 21 13.17 2.89 4.96
N ARG A 1 -11.43 -5.96 8.00
CA ARG A 1 -12.66 -5.22 7.60
C ARG A 1 -12.32 -4.29 6.43
N GLN A 2 -13.30 -3.51 6.01
CA GLN A 2 -13.13 -2.58 4.89
C GLN A 2 -11.92 -1.67 5.07
N TYR A 3 -11.63 -1.30 6.29
CA TYR A 3 -10.51 -0.39 6.54
C TYR A 3 -9.17 -0.97 6.08
N MET A 4 -8.92 -2.23 6.39
CA MET A 4 -7.65 -2.84 6.01
C MET A 4 -7.38 -2.68 4.53
N ARG A 5 -8.44 -2.45 3.77
CA ARG A 5 -8.29 -2.29 2.32
C ARG A 5 -7.52 -1.02 1.95
N GLN A 6 -7.76 0.08 2.65
CA GLN A 6 -7.07 1.32 2.31
C GLN A 6 -5.63 1.24 2.75
N ILE A 7 -5.44 0.60 3.88
CA ILE A 7 -4.13 0.43 4.46
C ILE A 7 -3.32 -0.53 3.61
N GLU A 8 -4.00 -1.56 3.14
CA GLU A 8 -3.38 -2.56 2.29
C GLU A 8 -2.98 -1.92 0.98
N GLN A 9 -3.91 -1.17 0.44
CA GLN A 9 -3.71 -0.48 -0.82
C GLN A 9 -2.49 0.45 -0.74
N ALA A 10 -2.20 0.94 0.46
CA ALA A 10 -1.06 1.84 0.62
C ALA A 10 0.25 1.09 0.41
N LEU A 11 0.41 -0.03 1.09
CA LEU A 11 1.61 -0.84 0.95
C LEU A 11 1.78 -1.26 -0.50
N ARG A 12 0.69 -1.17 -1.25
CA ARG A 12 0.69 -1.53 -2.66
C ARG A 12 1.71 -0.70 -3.42
N TYR A 13 1.71 0.59 -3.15
CA TYR A 13 2.62 1.50 -3.84
C TYR A 13 4.05 1.08 -3.60
N GLY A 14 4.28 0.44 -2.46
CA GLY A 14 5.61 -0.03 -2.10
C GLY A 14 6.21 -0.88 -3.20
N TYR A 15 5.35 -1.54 -3.94
CA TYR A 15 5.80 -2.42 -5.02
C TYR A 15 6.07 -1.64 -6.31
N ARG A 16 5.62 -0.39 -6.39
CA ARG A 16 5.83 0.39 -7.62
C ARG A 16 6.75 1.60 -7.41
N ILE A 17 7.29 1.75 -6.21
CA ILE A 17 8.18 2.89 -5.95
C ILE A 17 9.62 2.43 -5.81
N SER A 18 10.53 3.39 -5.93
CA SER A 18 11.94 3.10 -5.80
C SER A 18 12.46 3.69 -4.49
N ARG A 19 13.20 2.90 -3.75
CA ARG A 19 13.74 3.39 -2.50
C ARG A 19 15.26 3.49 -2.61
N ARG A 20 15.74 4.70 -2.45
CA ARG A 20 17.18 4.96 -2.53
C ARG A 20 17.90 4.36 -1.32
N NH2 A 21 17.95 3.07 -1.19
HN1 NH2 A 21 17.54 2.48 -1.86
HN2 NH2 A 21 18.41 2.68 -0.41
N ARG A 1 -8.61 -5.94 8.81
CA ARG A 1 -9.68 -5.12 9.42
C ARG A 1 -10.32 -4.25 8.34
N GLN A 2 -11.18 -3.32 8.77
CA GLN A 2 -11.87 -2.44 7.83
C GLN A 2 -10.92 -1.51 7.09
N TYR A 3 -10.05 -0.81 7.82
CA TYR A 3 -9.13 0.13 7.17
C TYR A 3 -8.17 -0.58 6.23
N MET A 4 -7.73 -1.77 6.62
CA MET A 4 -6.76 -2.51 5.82
C MET A 4 -7.23 -2.66 4.38
N ARG A 5 -8.49 -2.34 4.12
CA ARG A 5 -9.04 -2.46 2.78
C ARG A 5 -8.47 -1.39 1.85
N GLN A 6 -8.40 -0.15 2.32
CA GLN A 6 -7.86 0.94 1.50
C GLN A 6 -6.36 0.85 1.39
N ILE A 7 -5.76 0.38 2.45
CA ILE A 7 -4.33 0.27 2.52
C ILE A 7 -3.85 -0.82 1.57
N GLU A 8 -4.67 -1.83 1.40
CA GLU A 8 -4.37 -2.92 0.50
C GLU A 8 -4.03 -2.37 -0.85
N GLN A 9 -4.74 -1.32 -1.19
CA GLN A 9 -4.59 -0.65 -2.44
C GLN A 9 -3.34 0.24 -2.44
N ALA A 10 -2.99 0.77 -1.29
CA ALA A 10 -1.83 1.64 -1.17
C ALA A 10 -0.50 0.89 -1.34
N LEU A 11 -0.35 -0.22 -0.63
CA LEU A 11 0.89 -0.98 -0.69
C LEU A 11 1.32 -1.26 -2.13
N ARG A 12 0.36 -1.23 -3.05
CA ARG A 12 0.67 -1.47 -4.44
C ARG A 12 1.69 -0.44 -4.89
N TYR A 13 1.45 0.81 -4.53
CA TYR A 13 2.37 1.88 -4.88
C TYR A 13 3.67 1.67 -4.14
N GLY A 14 3.55 1.15 -2.91
CA GLY A 14 4.69 0.86 -2.08
C GLY A 14 5.64 -0.06 -2.81
N TYR A 15 5.08 -1.06 -3.47
CA TYR A 15 5.89 -2.01 -4.22
C TYR A 15 6.28 -1.41 -5.57
N ARG A 16 5.65 -0.30 -5.91
CA ARG A 16 5.91 0.35 -7.20
C ARG A 16 7.18 1.19 -7.16
N ILE A 17 7.42 1.89 -6.06
CA ILE A 17 8.61 2.73 -5.95
C ILE A 17 9.60 2.16 -4.94
N SER A 18 10.82 2.66 -5.04
CA SER A 18 11.89 2.25 -4.14
C SER A 18 12.31 3.41 -3.25
N ARG A 19 12.81 3.10 -2.07
CA ARG A 19 13.28 4.12 -1.16
C ARG A 19 14.53 3.64 -0.45
N ARG A 20 15.60 4.39 -0.63
CA ARG A 20 16.89 4.05 -0.02
C ARG A 20 16.70 3.57 1.41
N NH2 A 21 17.58 2.78 1.95
HN1 NH2 A 21 18.35 2.49 1.43
HN2 NH2 A 21 17.46 2.48 2.87
#